data_3OSG
#
_entry.id   3OSG
#
_cell.length_a   40.115
_cell.length_b   127.532
_cell.length_c   41.473
_cell.angle_alpha   90.00
_cell.angle_beta   100.23
_cell.angle_gamma   90.00
#
_symmetry.space_group_name_H-M   'P 1 21 1'
#
loop_
_entity.id
_entity.type
_entity.pdbx_description
1 polymer MYB21
2 polymer "5'-D(*AP*AP*AP*TP*AP*TP*CP*GP*TP*TP*AP*T)-3'"
3 polymer "5'-D(*AP*TP*AP*AP*CP*GP*AP*TP*AP*TP*TP*T)-3'"
4 water water
#
loop_
_entity_poly.entity_id
_entity_poly.type
_entity_poly.pdbx_seq_one_letter_code
_entity_poly.pdbx_strand_id
1 'polypeptide(L)'
;MVQVNLKAAKKQKFTPEEDEMLKRAVAQHGSDWKMIAATFPNRNARQCRDRWKNYLAPSISHTPWTAEEDALLVQKIQEY
GRQWAIIAKFFPGRTDIHIKNRWVTISNKLGIPQTQQMLEHHHHHH
;
A,D
2 'polydeoxyribonucleotide' (DA)(DA)(DA)(DT)(DA)(DT)(DC)(DG)(DT)(DT)(DA)(DT) B,E
3 'polydeoxyribonucleotide' (DA)(DT)(DA)(DA)(DC)(DG)(DA)(DT)(DA)(DT)(DT)(DT) C,F
#
# COMPACT_ATOMS: atom_id res chain seq x y z
N VAL A 2 -1.54 -1.42 -3.48
CA VAL A 2 -0.10 -1.65 -3.47
C VAL A 2 0.56 -1.63 -2.05
N GLN A 3 1.84 -1.29 -2.00
CA GLN A 3 2.77 -1.84 -1.01
C GLN A 3 2.29 -2.26 0.41
N VAL A 4 1.71 -1.38 1.21
CA VAL A 4 1.64 -1.67 2.65
C VAL A 4 0.26 -1.69 3.34
N ASN A 5 0.00 -2.85 3.94
CA ASN A 5 -1.26 -3.24 4.61
C ASN A 5 -2.23 -4.28 3.96
N LYS A 7 2.11 -6.98 6.96
CA LYS A 7 2.39 -5.55 6.82
C LYS A 7 2.40 -5.15 5.35
N ALA A 8 3.23 -5.82 4.55
CA ALA A 8 3.13 -5.70 3.09
C ALA A 8 1.80 -6.29 2.59
N ALA A 9 1.06 -5.52 1.81
CA ALA A 9 -0.21 -5.99 1.26
C ALA A 9 -0.02 -7.31 0.52
N LYS A 10 -0.97 -8.23 0.65
CA LYS A 10 -0.87 -9.52 -0.03
C LYS A 10 -1.42 -9.42 -1.44
N LYS A 11 -1.96 -8.26 -1.79
CA LYS A 11 -2.27 -7.96 -3.16
C LYS A 11 -1.55 -6.68 -3.50
N GLN A 12 -0.55 -6.76 -4.37
CA GLN A 12 0.16 -5.57 -4.85
C GLN A 12 -0.47 -5.10 -6.16
N LYS A 13 -1.26 -4.04 -6.10
CA LYS A 13 -1.94 -3.51 -7.28
C LYS A 13 -0.97 -2.69 -8.12
N PHE A 14 -1.08 -2.79 -9.45
CA PHE A 14 -0.32 -1.92 -10.33
C PHE A 14 -0.79 -0.48 -10.18
N THR A 15 0.16 0.43 -10.06
CA THR A 15 -0.12 1.86 -10.03
C THR A 15 -0.27 2.37 -11.46
N PRO A 16 -0.83 3.59 -11.63
CA PRO A 16 -0.99 4.16 -12.97
C PRO A 16 0.36 4.36 -13.63
N GLU A 17 1.35 4.65 -12.81
CA GLU A 17 2.73 4.84 -13.28
C GLU A 17 3.36 3.53 -13.77
N GLU A 18 3.20 2.47 -12.99
CA GLU A 18 3.69 1.14 -13.40
C GLU A 18 3.01 0.68 -14.68
N ASP A 19 1.72 0.98 -14.80
CA ASP A 19 0.98 0.66 -16.00
C ASP A 19 1.61 1.34 -17.21
N GLU A 20 1.92 2.63 -17.05
CA GLU A 20 2.58 3.39 -18.12
C GLU A 20 3.92 2.77 -18.48
N MET A 21 4.77 2.59 -17.46
CA MET A 21 5.99 1.82 -17.56
C MET A 21 5.79 0.52 -18.35
N LEU A 22 4.82 -0.30 -17.96
CA LEU A 22 4.62 -1.60 -18.59
C LEU A 22 4.30 -1.46 -20.07
N LYS A 23 3.41 -0.53 -20.39
CA LYS A 23 3.05 -0.28 -21.78
C LYS A 23 4.28 0.07 -22.63
N ARG A 24 5.20 0.83 -22.05
CA ARG A 24 6.45 1.21 -22.72
C ARG A 24 7.33 -0.01 -22.93
N ALA A 25 7.50 -0.79 -21.86
CA ALA A 25 8.31 -1.98 -21.89
C ALA A 25 7.83 -2.96 -22.96
N VAL A 26 6.53 -3.06 -23.14
CA VAL A 26 5.98 -3.96 -24.15
C VAL A 26 6.23 -3.45 -25.57
N ALA A 27 6.06 -2.15 -25.77
CA ALA A 27 6.36 -1.54 -27.05
C ALA A 27 7.82 -1.76 -27.42
N GLN A 28 8.66 -1.88 -26.39
CA GLN A 28 10.09 -1.96 -26.57
C GLN A 28 10.59 -3.40 -26.64
N HIS A 29 9.98 -4.28 -25.84
CA HIS A 29 10.45 -5.67 -25.76
C HIS A 29 9.45 -6.71 -26.23
N GLY A 30 8.28 -6.27 -26.67
CA GLY A 30 7.25 -7.21 -27.06
C GLY A 30 6.91 -8.08 -25.87
N SER A 31 6.67 -9.37 -26.11
CA SER A 31 6.18 -10.27 -25.07
C SER A 31 7.32 -11.06 -24.41
N ASP A 32 8.44 -10.42 -24.16
CA ASP A 32 9.56 -11.05 -23.49
C ASP A 32 9.40 -10.69 -22.01
N TRP A 33 8.62 -11.49 -21.29
CA TRP A 33 8.13 -11.08 -19.97
C TRP A 33 9.23 -11.04 -18.92
N LYS A 34 10.24 -11.92 -19.06
CA LYS A 34 11.35 -11.92 -18.12
C LYS A 34 12.19 -10.67 -18.24
N MET A 35 12.47 -10.26 -19.47
CA MET A 35 13.26 -9.06 -19.68
C MET A 35 12.41 -7.88 -19.20
N ILE A 36 11.13 -7.89 -19.57
CA ILE A 36 10.26 -6.82 -19.15
C ILE A 36 10.27 -6.68 -17.63
N ALA A 37 10.08 -7.79 -16.92
CA ALA A 37 9.98 -7.75 -15.46
C ALA A 37 11.29 -7.35 -14.78
N ALA A 38 12.40 -7.56 -15.46
CA ALA A 38 13.69 -7.16 -14.92
C ALA A 38 13.74 -5.65 -14.64
N THR A 39 12.96 -4.89 -15.39
CA THR A 39 12.99 -3.44 -15.24
C THR A 39 12.05 -2.95 -14.14
N PHE A 40 11.31 -3.88 -13.53
CA PHE A 40 10.40 -3.60 -12.42
C PHE A 40 10.94 -4.23 -11.14
N PRO A 41 11.44 -3.41 -10.21
CA PRO A 41 12.08 -3.97 -9.02
C PRO A 41 11.16 -4.87 -8.17
N ASN A 42 9.87 -4.58 -8.17
CA ASN A 42 8.94 -5.35 -7.35
C ASN A 42 7.97 -6.24 -8.14
N ARG A 43 8.28 -6.52 -9.40
CA ARG A 43 7.37 -7.31 -10.23
C ARG A 43 8.08 -8.48 -10.90
N ASN A 44 7.40 -9.62 -11.00
CA ASN A 44 7.95 -10.74 -11.73
C ASN A 44 7.31 -10.87 -13.12
N ALA A 45 7.74 -11.87 -13.90
CA ALA A 45 7.24 -12.02 -15.28
C ALA A 45 5.74 -12.27 -15.31
N ARG A 46 5.28 -13.13 -14.41
CA ARG A 46 3.86 -13.48 -14.32
C ARG A 46 2.98 -12.27 -14.08
N GLN A 47 3.40 -11.42 -13.14
CA GLN A 47 2.63 -10.22 -12.83
C GLN A 47 2.54 -9.28 -14.01
N CYS A 48 3.64 -9.08 -14.74
CA CYS A 48 3.60 -8.18 -15.88
C CYS A 48 2.75 -8.76 -17.01
N ARG A 49 2.88 -10.05 -17.26
CA ARG A 49 2.10 -10.67 -18.31
C ARG A 49 0.61 -10.56 -18.00
N ASP A 50 0.21 -10.85 -16.77
CA ASP A 50 -1.20 -10.80 -16.41
C ASP A 50 -1.77 -9.40 -16.55
N ARG A 51 -1.05 -8.42 -16.04
CA ARG A 51 -1.50 -7.05 -16.10
C ARG A 51 -1.70 -6.61 -17.56
N TRP A 52 -0.73 -6.91 -18.41
CA TRP A 52 -0.86 -6.57 -19.82
C TRP A 52 -2.01 -7.29 -20.50
N LYS A 53 -2.03 -8.60 -20.38
CA LYS A 53 -3.00 -9.42 -21.11
C LYS A 53 -4.45 -9.10 -20.72
N ASN A 54 -4.69 -8.85 -19.44
CA ASN A 54 -6.05 -8.68 -18.94
C ASN A 54 -6.47 -7.24 -18.72
N TYR A 55 -5.52 -6.31 -18.70
CA TYR A 55 -5.88 -4.93 -18.39
C TYR A 55 -5.33 -3.83 -19.31
N LEU A 56 -4.11 -4.00 -19.82
CA LEU A 56 -3.46 -2.90 -20.54
C LEU A 56 -3.50 -3.02 -22.05
N ALA A 57 -3.51 -4.26 -22.54
CA ALA A 57 -3.50 -4.52 -23.99
C ALA A 57 -4.59 -3.74 -24.71
N PRO A 58 -4.25 -3.19 -25.88
CA PRO A 58 -5.16 -2.26 -26.56
C PRO A 58 -6.49 -2.91 -26.95
N SER A 59 -6.55 -4.24 -26.92
CA SER A 59 -7.75 -4.95 -27.35
C SER A 59 -8.71 -5.24 -26.20
N ILE A 60 -8.39 -4.73 -25.01
CA ILE A 60 -9.20 -4.98 -23.82
C ILE A 60 -10.24 -3.88 -23.67
N SER A 61 -11.49 -4.28 -23.45
CA SER A 61 -12.56 -3.29 -23.27
C SER A 61 -12.56 -2.67 -21.87
N HIS A 62 -12.73 -1.36 -21.79
CA HIS A 62 -12.86 -0.75 -20.48
C HIS A 62 -14.24 -0.13 -20.25
N THR A 63 -15.19 -0.56 -21.05
CA THR A 63 -16.57 -0.14 -20.88
C THR A 63 -17.31 -1.13 -19.98
N PRO A 64 -18.27 -0.63 -19.20
CA PRO A 64 -19.03 -1.50 -18.30
C PRO A 64 -19.72 -2.61 -19.07
N TRP A 65 -19.99 -3.72 -18.39
CA TRP A 65 -20.75 -4.83 -18.94
C TRP A 65 -22.17 -4.39 -19.25
N THR A 66 -22.61 -4.70 -20.46
CA THR A 66 -23.93 -4.33 -20.92
C THR A 66 -24.89 -5.47 -20.61
N ALA A 67 -26.19 -5.19 -20.60
CA ALA A 67 -27.17 -6.22 -20.30
C ALA A 67 -27.18 -7.32 -21.38
N GLU A 68 -26.82 -6.96 -22.61
CA GLU A 68 -26.72 -7.92 -23.69
C GLU A 68 -25.57 -8.88 -23.42
N GLU A 69 -24.44 -8.35 -22.97
CA GLU A 69 -23.31 -9.18 -22.60
C GLU A 69 -23.65 -10.13 -21.46
N ASP A 70 -24.34 -9.62 -20.44
CA ASP A 70 -24.74 -10.48 -19.33
C ASP A 70 -25.56 -11.66 -19.82
N ALA A 71 -26.53 -11.34 -20.68
CA ALA A 71 -27.47 -12.33 -21.19
C ALA A 71 -26.71 -13.37 -21.98
N LEU A 72 -25.78 -12.92 -22.82
CA LEU A 72 -24.90 -13.86 -23.51
C LEU A 72 -24.17 -14.78 -22.53
N LEU A 73 -23.66 -14.22 -21.42
CA LEU A 73 -22.90 -15.02 -20.46
C LEU A 73 -23.73 -16.13 -19.84
N VAL A 74 -24.98 -15.83 -19.50
CA VAL A 74 -25.80 -16.86 -18.90
C VAL A 74 -26.05 -17.97 -19.91
N GLN A 75 -26.28 -17.60 -21.17
CA GLN A 75 -26.48 -18.59 -22.23
C GLN A 75 -25.23 -19.41 -22.49
N LYS A 76 -24.10 -18.74 -22.65
CA LYS A 76 -22.86 -19.47 -22.91
C LYS A 76 -22.44 -20.41 -21.77
N ILE A 77 -22.81 -20.07 -20.54
CA ILE A 77 -22.47 -20.94 -19.41
C ILE A 77 -23.40 -22.15 -19.33
N GLN A 78 -24.62 -21.98 -19.82
CA GLN A 78 -25.51 -23.13 -19.97
C GLN A 78 -24.93 -24.04 -21.06
N GLU A 79 -24.36 -23.44 -22.09
CA GLU A 79 -23.79 -24.21 -23.19
C GLU A 79 -22.46 -24.90 -22.82
N TYR A 80 -21.54 -24.19 -22.20
CA TYR A 80 -20.17 -24.68 -22.02
C TYR A 80 -19.78 -25.02 -20.59
N GLY A 81 -20.57 -24.61 -19.62
CA GLY A 81 -20.19 -24.81 -18.24
C GLY A 81 -19.05 -23.85 -17.90
N ARG A 82 -18.26 -24.20 -16.88
CA ARG A 82 -17.25 -23.27 -16.36
C ARG A 82 -15.96 -23.23 -17.17
N GLN A 83 -16.07 -23.21 -18.50
CA GLN A 83 -14.89 -23.15 -19.36
C GLN A 83 -14.68 -21.73 -19.81
N TRP A 84 -14.08 -20.93 -18.92
CA TRP A 84 -14.12 -19.50 -19.07
C TRP A 84 -13.38 -19.01 -20.29
N ALA A 85 -12.25 -19.64 -20.59
CA ALA A 85 -11.41 -19.26 -21.74
C ALA A 85 -12.15 -19.49 -23.07
N ILE A 86 -12.88 -20.59 -23.17
CA ILE A 86 -13.73 -20.82 -24.33
C ILE A 86 -14.80 -19.75 -24.42
N ILE A 87 -15.50 -19.54 -23.32
CA ILE A 87 -16.59 -18.59 -23.28
C ILE A 87 -16.14 -17.19 -23.66
N ALA A 88 -14.93 -16.82 -23.23
CA ALA A 88 -14.42 -15.46 -23.45
C ALA A 88 -14.16 -15.22 -24.94
N LYS A 89 -14.05 -16.30 -25.70
CA LYS A 89 -13.92 -16.18 -27.15
C LYS A 89 -15.08 -15.35 -27.72
N PHE A 90 -16.28 -15.56 -27.17
CA PHE A 90 -17.47 -14.86 -27.64
C PHE A 90 -17.64 -13.43 -27.14
N PHE A 91 -16.65 -12.94 -26.38
CA PHE A 91 -16.73 -11.59 -25.81
C PHE A 91 -15.54 -10.74 -26.21
N PRO A 92 -15.64 -10.07 -27.35
CA PRO A 92 -14.56 -9.19 -27.80
C PRO A 92 -14.20 -8.16 -26.74
N GLY A 93 -12.96 -8.17 -26.29
CA GLY A 93 -12.51 -7.16 -25.35
C GLY A 93 -12.54 -7.63 -23.91
N ARG A 94 -12.98 -8.88 -23.69
CA ARG A 94 -13.03 -9.46 -22.36
C ARG A 94 -12.22 -10.74 -22.36
N THR A 95 -11.58 -11.07 -21.24
CA THR A 95 -10.80 -12.30 -21.16
C THR A 95 -11.44 -13.21 -20.15
N ASP A 96 -10.90 -14.41 -20.01
CA ASP A 96 -11.45 -15.37 -19.06
C ASP A 96 -11.48 -14.81 -17.63
N ILE A 97 -10.52 -13.97 -17.30
CA ILE A 97 -10.47 -13.34 -15.98
C ILE A 97 -11.75 -12.54 -15.77
N HIS A 98 -12.09 -11.70 -16.74
CA HIS A 98 -13.28 -10.87 -16.65
C HIS A 98 -14.56 -11.72 -16.64
N ILE A 99 -14.61 -12.73 -17.49
CA ILE A 99 -15.78 -13.59 -17.56
C ILE A 99 -16.06 -14.29 -16.23
N LYS A 100 -15.03 -14.87 -15.61
CA LYS A 100 -15.27 -15.57 -14.34
C LYS A 100 -15.59 -14.63 -13.15
N ASN A 101 -15.02 -13.42 -13.13
CA ASN A 101 -15.46 -12.42 -12.16
C ASN A 101 -16.94 -12.04 -12.35
N ARG A 102 -17.33 -11.87 -13.61
CA ARG A 102 -18.68 -11.44 -13.91
C ARG A 102 -19.72 -12.51 -13.57
N TRP A 103 -19.32 -13.78 -13.63
CA TRP A 103 -20.25 -14.84 -13.27
C TRP A 103 -20.63 -14.76 -11.80
N VAL A 104 -19.68 -14.38 -10.96
CA VAL A 104 -19.96 -14.20 -9.53
C VAL A 104 -21.04 -13.15 -9.37
N THR A 105 -20.88 -12.04 -10.07
CA THR A 105 -21.79 -10.91 -9.94
C THR A 105 -23.16 -11.27 -10.52
N ILE A 106 -23.17 -11.91 -11.68
CA ILE A 106 -24.41 -12.35 -12.29
C ILE A 106 -25.13 -13.38 -11.44
N SER A 107 -24.40 -14.36 -10.92
CA SER A 107 -25.03 -15.40 -10.11
C SER A 107 -25.71 -14.82 -8.87
N ASN A 108 -25.24 -13.64 -8.44
CA ASN A 108 -25.84 -12.93 -7.30
C ASN A 108 -27.19 -12.32 -7.68
N LYS A 109 -27.23 -11.65 -8.83
CA LYS A 109 -28.47 -11.11 -9.37
C LYS A 109 -29.53 -12.17 -9.63
N LEU A 110 -29.11 -13.38 -10.01
CA LEU A 110 -30.04 -14.48 -10.27
C LEU A 110 -30.47 -15.20 -9.00
N GLY A 111 -29.90 -14.81 -7.88
CA GLY A 111 -30.22 -15.45 -6.62
C GLY A 111 -29.73 -16.88 -6.55
N ILE A 112 -28.69 -17.21 -7.31
CA ILE A 112 -28.04 -18.51 -7.24
C ILE A 112 -26.95 -18.53 -6.17
N LYS D 10 9.73 29.01 11.96
CA LYS D 10 10.42 27.96 11.22
C LYS D 10 10.20 26.57 11.82
N LYS D 11 8.98 26.30 12.22
CA LYS D 11 8.57 24.95 12.55
C LYS D 11 7.28 24.69 11.78
N GLN D 12 7.40 23.90 10.71
CA GLN D 12 6.31 23.53 9.85
C GLN D 12 5.64 22.33 10.50
N LYS D 13 4.70 22.51 11.43
CA LYS D 13 4.05 21.33 11.99
C LYS D 13 3.12 20.70 10.96
N PHE D 14 3.01 19.38 10.97
CA PHE D 14 2.08 18.69 10.05
C PHE D 14 0.64 19.01 10.43
N THR D 15 -0.18 19.35 9.44
CA THR D 15 -1.61 19.57 9.69
C THR D 15 -2.33 18.22 9.66
N PRO D 16 -3.55 18.15 10.18
CA PRO D 16 -4.33 16.92 10.10
C PRO D 16 -4.56 16.41 8.66
N GLU D 17 -4.79 17.32 7.72
CA GLU D 17 -4.87 16.97 6.30
C GLU D 17 -3.56 16.34 5.81
N GLU D 18 -2.43 16.96 6.16
CA GLU D 18 -1.15 16.40 5.75
C GLU D 18 -0.97 15.01 6.36
N ASP D 19 -1.35 14.83 7.62
CA ASP D 19 -1.21 13.49 8.22
C ASP D 19 -1.96 12.45 7.42
N GLU D 20 -3.21 12.77 7.03
CA GLU D 20 -4.00 11.86 6.20
C GLU D 20 -3.28 11.56 4.89
N MET D 21 -2.82 12.61 4.21
CA MET D 21 -2.05 12.45 2.98
C MET D 21 -0.86 11.51 3.21
N LEU D 22 -0.21 11.63 4.36
CA LEU D 22 0.99 10.85 4.65
C LEU D 22 0.65 9.37 4.81
N LYS D 23 -0.42 9.10 5.57
CA LYS D 23 -0.85 7.72 5.78
C LYS D 23 -1.16 7.07 4.46
N ARG D 24 -1.83 7.81 3.59
CA ARG D 24 -2.13 7.30 2.25
C ARG D 24 -0.88 7.04 1.42
N ALA D 25 0.07 7.96 1.50
CA ALA D 25 1.28 7.84 0.69
C ALA D 25 2.07 6.64 1.14
N VAL D 26 2.10 6.42 2.45
CA VAL D 26 2.82 5.29 3.00
C VAL D 26 2.15 3.97 2.63
N ALA D 27 0.83 3.92 2.65
CA ALA D 27 0.15 2.68 2.25
C ALA D 27 0.53 2.34 0.82
N GLN D 28 0.67 3.38 0.02
CA GLN D 28 0.93 3.22 -1.40
C GLN D 28 2.40 2.91 -1.70
N HIS D 29 3.35 3.60 -1.06
CA HIS D 29 4.77 3.48 -1.43
C HIS D 29 5.65 2.84 -0.38
N GLY D 30 5.09 2.44 0.76
CA GLY D 30 5.90 1.78 1.77
C GLY D 30 6.91 2.74 2.39
N SER D 31 8.18 2.46 2.21
CA SER D 31 9.17 3.34 2.80
C SER D 31 10.00 4.05 1.73
N ASP D 32 9.45 4.23 0.54
CA ASP D 32 10.13 5.04 -0.46
C ASP D 32 9.87 6.51 -0.15
N TRP D 33 10.67 7.08 0.75
CA TRP D 33 10.39 8.41 1.27
C TRP D 33 10.46 9.50 0.22
N LYS D 34 11.30 9.32 -0.81
CA LYS D 34 11.36 10.34 -1.87
C LYS D 34 10.06 10.40 -2.64
N MET D 35 9.53 9.24 -3.03
CA MET D 35 8.24 9.21 -3.71
C MET D 35 7.11 9.73 -2.81
N ILE D 36 7.18 9.40 -1.52
CA ILE D 36 6.15 9.87 -0.59
C ILE D 36 6.19 11.41 -0.50
N ALA D 37 7.38 11.97 -0.37
CA ALA D 37 7.53 13.42 -0.27
C ALA D 37 7.01 14.13 -1.53
N ALA D 38 7.15 13.47 -2.69
CA ALA D 38 6.70 14.05 -3.95
C ALA D 38 5.18 14.24 -3.98
N THR D 39 4.46 13.66 -3.04
CA THR D 39 3.01 13.88 -3.02
C THR D 39 2.67 15.18 -2.30
N PHE D 40 3.67 15.79 -1.66
CA PHE D 40 3.43 17.01 -0.90
C PHE D 40 4.10 18.20 -1.57
N PRO D 41 3.36 19.30 -1.68
CA PRO D 41 3.98 20.49 -2.26
C PRO D 41 5.00 21.12 -1.33
N ASN D 42 4.92 20.79 -0.04
CA ASN D 42 5.74 21.49 0.95
C ASN D 42 6.48 20.58 1.92
N ARG D 43 6.75 19.33 1.57
CA ARG D 43 7.45 18.43 2.48
C ARG D 43 8.51 17.64 1.75
N ASN D 44 9.63 17.41 2.43
CA ASN D 44 10.68 16.57 1.88
C ASN D 44 10.70 15.18 2.54
N ALA D 45 11.59 14.32 2.07
CA ALA D 45 11.65 12.94 2.54
C ALA D 45 11.89 12.85 4.04
N ARG D 46 12.73 13.74 4.56
CA ARG D 46 13.07 13.73 5.98
C ARG D 46 11.88 14.03 6.85
N GLN D 47 11.16 15.08 6.49
CA GLN D 47 9.98 15.49 7.24
C GLN D 47 8.94 14.37 7.28
N CYS D 48 8.76 13.70 6.15
CA CYS D 48 7.78 12.62 6.03
C CYS D 48 8.18 11.40 6.87
N ARG D 49 9.42 10.96 6.70
CA ARG D 49 9.95 9.84 7.47
C ARG D 49 9.82 10.10 8.97
N ASP D 50 10.25 11.29 9.42
CA ASP D 50 10.13 11.63 10.85
C ASP D 50 8.69 11.64 11.36
N ARG D 51 7.77 12.27 10.65
CA ARG D 51 6.36 12.31 11.06
C ARG D 51 5.75 10.92 11.15
N TRP D 52 6.04 10.09 10.15
CA TRP D 52 5.56 8.72 10.16
C TRP D 52 6.16 7.94 11.33
N LYS D 53 7.48 7.93 11.39
CA LYS D 53 8.22 7.10 12.35
C LYS D 53 7.84 7.43 13.79
N ASN D 54 7.59 8.70 14.06
CA ASN D 54 7.41 9.13 15.44
C ASN D 54 5.98 9.44 15.84
N TYR D 55 5.06 9.54 14.89
CA TYR D 55 3.75 9.99 15.28
C TYR D 55 2.58 9.28 14.62
N LEU D 56 2.80 8.78 13.41
CA LEU D 56 1.70 8.20 12.64
C LEU D 56 1.71 6.66 12.56
N ALA D 57 2.87 6.06 12.76
CA ALA D 57 2.97 4.61 12.56
C ALA D 57 2.03 3.94 13.56
N PRO D 58 1.38 2.85 13.12
CA PRO D 58 0.40 2.15 13.96
C PRO D 58 1.04 1.67 15.25
N SER D 59 2.33 1.39 15.21
CA SER D 59 3.11 1.01 16.39
C SER D 59 3.32 2.12 17.44
N ILE D 60 2.79 3.31 17.19
CA ILE D 60 2.98 4.42 18.14
C ILE D 60 1.83 4.52 19.13
N SER D 61 2.13 4.52 20.42
CA SER D 61 1.09 4.73 21.42
C SER D 61 0.70 6.18 21.52
N HIS D 62 -0.61 6.44 21.61
CA HIS D 62 -1.11 7.80 21.78
C HIS D 62 -1.78 8.02 23.14
N THR D 63 -1.64 7.03 24.02
CA THR D 63 -2.14 7.13 25.39
C THR D 63 -1.07 7.77 26.28
N PRO D 64 -1.51 8.49 27.32
CA PRO D 64 -0.56 9.23 28.14
C PRO D 64 0.40 8.29 28.86
N TRP D 65 1.53 8.82 29.28
CA TRP D 65 2.48 8.04 30.02
C TRP D 65 1.88 7.55 31.34
N THR D 66 2.14 6.30 31.67
CA THR D 66 1.69 5.73 32.93
C THR D 66 2.78 5.88 33.96
N ALA D 67 2.41 5.74 35.23
CA ALA D 67 3.37 5.81 36.29
C ALA D 67 4.36 4.66 36.14
N GLU D 68 3.87 3.47 35.78
CA GLU D 68 4.78 2.36 35.43
C GLU D 68 5.88 2.86 34.50
N GLU D 69 5.47 3.42 33.37
CA GLU D 69 6.41 3.94 32.37
C GLU D 69 7.39 4.98 32.91
N ASP D 70 6.92 5.91 33.73
CA ASP D 70 7.82 6.88 34.31
C ASP D 70 8.83 6.20 35.22
N ALA D 71 8.34 5.23 35.98
CA ALA D 71 9.18 4.50 36.92
C ALA D 71 10.30 3.76 36.19
N LEU D 72 9.94 3.05 35.14
CA LEU D 72 10.91 2.35 34.31
C LEU D 72 11.92 3.34 33.75
N LEU D 73 11.41 4.47 33.27
CA LEU D 73 12.29 5.47 32.66
C LEU D 73 13.31 6.00 33.65
N VAL D 74 12.88 6.25 34.88
CA VAL D 74 13.81 6.73 35.89
C VAL D 74 14.93 5.71 36.13
N GLN D 75 14.58 4.43 36.15
CA GLN D 75 15.59 3.38 36.30
C GLN D 75 16.57 3.37 35.14
N LYS D 76 16.03 3.21 33.93
CA LYS D 76 16.83 3.14 32.71
C LYS D 76 17.82 4.28 32.54
N ILE D 77 17.44 5.49 32.93
CA ILE D 77 18.32 6.64 32.78
C ILE D 77 19.50 6.61 33.77
N GLN D 78 19.30 5.95 34.90
CA GLN D 78 20.39 5.75 35.85
C GLN D 78 21.33 4.70 35.25
N GLU D 79 20.74 3.61 34.74
CA GLU D 79 21.48 2.50 34.15
C GLU D 79 22.22 2.83 32.84
N TYR D 80 21.58 3.61 31.97
CA TYR D 80 22.17 3.87 30.66
C TYR D 80 22.61 5.31 30.40
N GLY D 81 22.29 6.22 31.30
CA GLY D 81 22.50 7.63 31.02
C GLY D 81 21.65 8.07 29.83
N ARG D 82 22.07 9.14 29.17
CA ARG D 82 21.29 9.75 28.09
C ARG D 82 21.38 9.06 26.74
N GLN D 83 21.10 7.77 26.69
CA GLN D 83 21.06 7.04 25.42
C GLN D 83 19.62 6.71 25.03
N TRP D 84 18.90 7.72 24.55
CA TRP D 84 17.46 7.61 24.35
C TRP D 84 17.08 6.45 23.44
N ALA D 85 17.84 6.29 22.37
CA ALA D 85 17.60 5.22 21.40
C ALA D 85 17.56 3.82 22.03
N ILE D 86 18.56 3.50 22.84
CA ILE D 86 18.59 2.23 23.53
C ILE D 86 17.44 2.12 24.55
N ILE D 87 17.32 3.12 25.40
CA ILE D 87 16.22 3.15 26.37
C ILE D 87 14.89 2.94 25.70
N ALA D 88 14.68 3.62 24.58
CA ALA D 88 13.39 3.57 23.90
C ALA D 88 13.03 2.16 23.48
N LYS D 89 14.01 1.27 23.43
CA LYS D 89 13.77 -0.12 23.07
C LYS D 89 12.95 -0.81 24.14
N PHE D 90 13.07 -0.33 25.38
CA PHE D 90 12.37 -0.91 26.51
C PHE D 90 10.93 -0.40 26.63
N PHE D 91 10.55 0.58 25.83
CA PHE D 91 9.19 1.11 25.88
C PHE D 91 8.43 0.88 24.59
N PRO D 92 7.53 -0.10 24.58
CA PRO D 92 6.75 -0.36 23.36
C PRO D 92 5.82 0.80 23.09
N GLY D 93 5.77 1.24 21.83
CA GLY D 93 4.94 2.38 21.48
C GLY D 93 5.57 3.75 21.67
N ARG D 94 6.80 3.79 22.19
CA ARG D 94 7.53 5.04 22.38
C ARG D 94 8.86 5.01 21.65
N THR D 95 9.22 6.13 21.03
CA THR D 95 10.50 6.25 20.32
C THR D 95 11.42 7.16 21.11
N ASP D 96 12.66 7.29 20.66
CA ASP D 96 13.62 8.12 21.37
C ASP D 96 13.14 9.56 21.53
N ILE D 97 12.41 10.08 20.55
CA ILE D 97 11.87 11.43 20.65
C ILE D 97 10.96 11.56 21.89
N HIS D 98 10.09 10.58 22.08
CA HIS D 98 9.17 10.61 23.22
C HIS D 98 9.93 10.43 24.51
N ILE D 99 10.95 9.57 24.51
CA ILE D 99 11.70 9.31 25.73
C ILE D 99 12.49 10.56 26.12
N LYS D 100 13.15 11.13 25.14
CA LYS D 100 13.88 12.38 25.29
C LYS D 100 12.98 13.46 25.92
N ASN D 101 11.78 13.59 25.39
CA ASN D 101 10.85 14.61 25.88
C ASN D 101 10.32 14.30 27.27
N ARG D 102 10.02 13.03 27.52
CA ARG D 102 9.38 12.68 28.78
C ARG D 102 10.34 12.91 29.92
N TRP D 103 11.63 12.71 29.65
CA TRP D 103 12.63 12.93 30.68
C TRP D 103 12.65 14.36 31.19
N VAL D 104 12.43 15.33 30.31
CA VAL D 104 12.38 16.71 30.74
C VAL D 104 11.26 16.90 31.77
N THR D 105 10.11 16.31 31.47
CA THR D 105 8.95 16.44 32.33
C THR D 105 9.17 15.70 33.64
N ILE D 106 9.76 14.51 33.58
CA ILE D 106 10.00 13.72 34.77
C ILE D 106 11.07 14.39 35.62
N SER D 107 12.10 14.89 34.95
CA SER D 107 13.15 15.65 35.60
C SER D 107 12.57 16.79 36.44
N ASN D 108 11.59 17.50 35.88
CA ASN D 108 10.91 18.58 36.60
C ASN D 108 10.14 18.06 37.80
N LYS D 109 9.33 17.02 37.60
CA LYS D 109 8.51 16.50 38.70
C LYS D 109 9.33 15.67 39.69
N LEU D 110 10.66 15.81 39.62
CA LEU D 110 11.56 15.20 40.59
C LEU D 110 12.44 16.27 41.19
N GLY D 111 12.55 17.39 40.49
CA GLY D 111 13.34 18.52 40.94
C GLY D 111 14.84 18.42 40.69
N ILE D 112 15.23 17.92 39.52
CA ILE D 112 16.65 17.82 39.17
C ILE D 112 17.22 19.15 38.68
#